data_4YAC
#
_entry.id   4YAC
#
_cell.length_a   79.298
_cell.length_b   79.298
_cell.length_c   71.973
_cell.angle_alpha   90.00
_cell.angle_beta   90.00
_cell.angle_gamma   120.00
#
_symmetry.space_group_name_H-M   'P 32 2 1'
#
loop_
_entity.id
_entity.type
_entity.pdbx_description
1 polymer 'C alpha-dehydrogenase'
2 non-polymer '1,4-DIHYDRONICOTINAMIDE ADENINE DINUCLEOTIDE'
3 water water
#
_entity_poly.entity_id   1
_entity_poly.type   'polypeptide(L)'
_entity_poly.pdbx_seq_one_letter_code
;MQDLEGKVAFVTGGGSGVALGQAKVLAEEAQMKVVIADIRQDHLDEAMGYFSQKNVAVHPVRLDLTDRAAYAAAVDEAEQ
VFGPVDLLCNTAGVSQFGPIEKATFDDWDWQMDVNVNGVINGVMTVMPRMIERGQGGHILITASMSAFVALPTTGIYCTT
KYAVRGLAESLRVEMPKYNIGVSLLCPGGVNTNIHRSVEARPEKYGNTGYYGRDEAVFAGLKRVIEHGFDPVDLGRVVLD
AVRNDRFWVLPYPEFAEGQKARDQEVIDAMMSYADHPDYARRMKIREQMKRDMPGSD
;
_entity_poly.pdbx_strand_id   A
#
loop_
_chem_comp.id
_chem_comp.type
_chem_comp.name
_chem_comp.formula
NAI non-polymer '1,4-DIHYDRONICOTINAMIDE ADENINE DINUCLEOTIDE' 'C21 H29 N7 O14 P2'
#
# COMPACT_ATOMS: atom_id res chain seq x y z
N MET A 1 -11.56 10.77 0.37
CA MET A 1 -11.67 11.62 1.59
C MET A 1 -11.57 13.09 1.22
N GLN A 2 -12.48 13.92 1.74
CA GLN A 2 -12.56 15.33 1.37
C GLN A 2 -12.02 16.24 2.45
N ASP A 3 -11.82 17.50 2.07
CA ASP A 3 -11.41 18.56 2.99
C ASP A 3 -10.16 18.20 3.81
N LEU A 4 -9.11 17.79 3.11
CA LEU A 4 -7.90 17.30 3.75
C LEU A 4 -7.17 18.36 4.57
N GLU A 5 -7.44 19.63 4.31
CA GLU A 5 -6.76 20.72 5.03
C GLU A 5 -6.99 20.61 6.54
N GLY A 6 -5.90 20.55 7.29
CA GLY A 6 -5.97 20.49 8.74
C GLY A 6 -6.13 19.08 9.29
N LYS A 7 -6.40 18.12 8.42
CA LYS A 7 -6.53 16.74 8.86
C LYS A 7 -5.13 16.13 9.03
N VAL A 8 -5.07 15.03 9.76
CA VAL A 8 -3.80 14.45 10.19
C VAL A 8 -3.39 13.23 9.38
N ALA A 9 -2.16 13.25 8.85
CA ALA A 9 -1.62 12.13 8.11
C ALA A 9 -0.45 11.50 8.87
N PHE A 10 -0.36 10.18 8.80
CA PHE A 10 0.72 9.43 9.41
C PHE A 10 1.42 8.66 8.30
N VAL A 11 2.65 9.06 7.98
CA VAL A 11 3.36 8.54 6.82
C VAL A 11 4.60 7.75 7.24
N THR A 12 4.60 6.44 6.99
CA THR A 12 5.71 5.60 7.38
C THR A 12 6.81 5.62 6.32
N GLY A 13 8.05 5.57 6.77
CA GLY A 13 9.19 5.69 5.89
C GLY A 13 9.37 7.11 5.40
N GLY A 14 8.71 8.06 6.05
CA GLY A 14 8.60 9.43 5.56
C GLY A 14 9.88 10.25 5.55
N GLY A 15 10.97 9.67 6.00
CA GLY A 15 12.25 10.36 6.02
C GLY A 15 12.97 10.35 4.69
N SER A 16 12.51 9.54 3.74
CA SER A 16 13.22 9.37 2.48
C SER A 16 12.32 8.86 1.35
N GLY A 17 12.79 9.01 0.12
CA GLY A 17 12.23 8.32 -1.03
C GLY A 17 10.76 8.58 -1.29
N VAL A 18 10.05 7.52 -1.69
CA VAL A 18 8.63 7.61 -2.05
C VAL A 18 7.80 8.21 -0.93
N ALA A 19 8.02 7.75 0.29
CA ALA A 19 7.21 8.20 1.42
C ALA A 19 7.42 9.68 1.71
N LEU A 20 8.67 10.14 1.61
CA LEU A 20 8.96 11.56 1.79
C LEU A 20 8.23 12.38 0.73
N GLY A 21 8.17 11.85 -0.49
CA GLY A 21 7.43 12.48 -1.56
C GLY A 21 5.96 12.62 -1.21
N GLN A 22 5.40 11.58 -0.59
CA GLN A 22 4.02 11.62 -0.14
C GLN A 22 3.85 12.68 0.95
N ALA A 23 4.76 12.67 1.91
CA ALA A 23 4.72 13.64 3.01
C ALA A 23 4.76 15.08 2.52
N LYS A 24 5.64 15.37 1.56
CA LYS A 24 5.79 16.71 1.03
C LYS A 24 4.49 17.22 0.41
N VAL A 25 3.90 16.39 -0.43
CA VAL A 25 2.66 16.75 -1.13
C VAL A 25 1.52 16.93 -0.15
N LEU A 26 1.43 16.05 0.84
CA LEU A 26 0.33 16.13 1.81
C LEU A 26 0.49 17.36 2.71
N ALA A 27 1.72 17.66 3.11
CA ALA A 27 1.98 18.78 4.01
C ALA A 27 1.89 20.13 3.31
N GLU A 28 2.36 20.19 2.06
CA GLU A 28 2.47 21.45 1.34
C GLU A 28 1.21 21.77 0.56
N GLU A 29 0.87 20.93 -0.42
CA GLU A 29 -0.29 21.18 -1.27
C GLU A 29 -1.60 20.98 -0.51
N ALA A 30 -1.77 19.78 0.03
CA ALA A 30 -3.02 19.43 0.71
C ALA A 30 -3.16 20.11 2.07
N GLN A 31 -2.06 20.66 2.58
CA GLN A 31 -2.06 21.37 3.85
C GLN A 31 -2.53 20.49 5.00
N MET A 32 -2.17 19.21 4.97
CA MET A 32 -2.43 18.33 6.10
C MET A 32 -1.39 18.53 7.18
N LYS A 33 -1.75 18.17 8.42
CA LYS A 33 -0.78 18.04 9.48
C LYS A 33 -0.18 16.66 9.35
N VAL A 34 1.12 16.59 9.07
CA VAL A 34 1.77 15.33 8.73
C VAL A 34 2.78 14.88 9.76
N VAL A 35 2.60 13.64 10.23
CA VAL A 35 3.61 12.98 11.04
C VAL A 35 4.43 12.07 10.12
N ILE A 36 5.74 12.28 10.07
CA ILE A 36 6.62 11.37 9.33
C ILE A 36 7.28 10.45 10.34
N ALA A 37 7.11 9.14 10.11
CA ALA A 37 7.61 8.11 10.99
C ALA A 37 8.68 7.30 10.27
N ASP A 38 9.87 7.24 10.85
CA ASP A 38 11.00 6.62 10.19
C ASP A 38 11.95 6.02 11.23
N ILE A 39 12.61 4.92 10.89
CA ILE A 39 13.53 4.29 11.82
C ILE A 39 14.84 5.06 11.91
N ARG A 40 15.22 5.74 10.84
CA ARG A 40 16.50 6.45 10.81
C ARG A 40 16.40 7.90 11.23
N GLN A 41 17.11 8.26 12.29
CA GLN A 41 17.10 9.62 12.80
C GLN A 41 17.70 10.61 11.80
N ASP A 42 18.73 10.19 11.08
CA ASP A 42 19.38 11.12 10.17
C ASP A 42 18.47 11.44 8.98
N HIS A 43 17.62 10.49 8.57
CA HIS A 43 16.66 10.76 7.50
C HIS A 43 15.60 11.75 7.96
N LEU A 44 15.10 11.55 9.19
CA LEU A 44 14.17 12.50 9.82
C LEU A 44 14.76 13.89 9.85
N ASP A 45 16.02 14.00 10.29
CA ASP A 45 16.67 15.29 10.40
C ASP A 45 16.79 15.97 9.03
N GLU A 46 17.07 15.18 8.00
CA GLU A 46 17.17 15.69 6.64
C GLU A 46 15.82 16.23 6.17
N ALA A 47 14.78 15.43 6.39
CA ALA A 47 13.44 15.81 5.99
C ALA A 47 13.02 17.11 6.68
N MET A 48 13.28 17.21 7.99
CA MET A 48 12.89 18.40 8.74
C MET A 48 13.73 19.60 8.33
N GLY A 49 14.91 19.35 7.77
CA GLY A 49 15.71 20.43 7.24
C GLY A 49 14.98 21.10 6.08
N TYR A 50 14.34 20.26 5.26
CA TYR A 50 13.51 20.74 4.16
C TYR A 50 12.25 21.43 4.67
N PHE A 51 11.50 20.75 5.51
CA PHE A 51 10.20 21.25 5.96
C PHE A 51 10.35 22.51 6.81
N SER A 52 11.52 22.73 7.39
CA SER A 52 11.74 23.93 8.19
C SER A 52 11.80 25.19 7.32
N GLN A 53 11.82 24.99 6.00
CA GLN A 53 11.85 26.08 5.04
C GLN A 53 10.54 26.20 4.26
N LYS A 54 9.49 25.56 4.77
CA LYS A 54 8.17 25.57 4.14
C LYS A 54 7.09 25.91 5.15
N ASN A 55 5.96 26.41 4.67
CA ASN A 55 4.84 26.72 5.56
C ASN A 55 3.99 25.48 5.82
N VAL A 56 4.50 24.60 6.67
CA VAL A 56 3.88 23.33 6.92
C VAL A 56 3.81 23.02 8.41
N ALA A 57 2.95 22.06 8.73
CA ALA A 57 2.92 21.46 10.05
C ALA A 57 3.38 20.02 9.90
N VAL A 58 4.64 19.77 10.24
CA VAL A 58 5.20 18.42 10.17
C VAL A 58 5.88 18.07 11.49
N HIS A 59 5.58 16.87 11.98
CA HIS A 59 6.13 16.36 13.22
C HIS A 59 6.87 15.05 12.96
N PRO A 60 8.18 14.99 13.25
CA PRO A 60 8.93 13.74 13.09
C PRO A 60 8.82 12.84 14.31
N VAL A 61 8.81 11.52 14.08
CA VAL A 61 8.90 10.57 15.16
C VAL A 61 9.77 9.40 14.71
N ARG A 62 10.80 9.08 15.49
CA ARG A 62 11.64 7.94 15.14
C ARG A 62 10.97 6.66 15.60
N LEU A 63 10.70 5.78 14.65
CA LEU A 63 9.91 4.58 14.89
C LEU A 63 10.38 3.42 14.02
N ASP A 64 10.63 2.28 14.66
CA ASP A 64 10.76 1.00 13.99
C ASP A 64 9.37 0.37 13.88
N LEU A 65 8.86 0.28 12.66
CA LEU A 65 7.48 -0.16 12.43
C LEU A 65 7.25 -1.60 12.85
N THR A 66 8.33 -2.36 13.02
CA THR A 66 8.22 -3.76 13.43
C THR A 66 8.03 -3.87 14.95
N ASP A 67 8.14 -2.75 15.65
CA ASP A 67 7.99 -2.70 17.10
C ASP A 67 6.57 -2.24 17.45
N ARG A 68 5.71 -3.19 17.81
CA ARG A 68 4.28 -2.92 17.99
C ARG A 68 4.04 -1.95 19.13
N ALA A 69 4.78 -2.11 20.23
CA ALA A 69 4.60 -1.23 21.38
C ALA A 69 4.97 0.20 21.02
N ALA A 70 6.09 0.35 20.32
CA ALA A 70 6.55 1.67 19.91
C ALA A 70 5.61 2.28 18.90
N TYR A 71 5.00 1.45 18.06
CA TYR A 71 4.07 1.96 17.05
C TYR A 71 2.89 2.61 17.76
N ALA A 72 2.35 1.92 18.77
CA ALA A 72 1.22 2.46 19.52
C ALA A 72 1.60 3.77 20.19
N ALA A 73 2.81 3.83 20.72
CA ALA A 73 3.30 5.03 21.38
C ALA A 73 3.43 6.17 20.38
N ALA A 74 3.89 5.85 19.17
CA ALA A 74 4.09 6.85 18.14
C ALA A 74 2.77 7.44 17.65
N VAL A 75 1.75 6.61 17.57
CA VAL A 75 0.43 7.08 17.18
C VAL A 75 -0.18 7.90 18.31
N ASP A 76 0.03 7.48 19.56
CA ASP A 76 -0.38 8.30 20.71
C ASP A 76 0.22 9.70 20.58
N GLU A 77 1.52 9.74 20.30
CA GLU A 77 2.25 10.98 20.14
C GLU A 77 1.62 11.85 19.05
N ALA A 78 1.28 11.22 17.93
CA ALA A 78 0.60 11.91 16.84
C ALA A 78 -0.69 12.57 17.32
N GLU A 79 -1.44 11.86 18.15
CA GLU A 79 -2.71 12.37 18.66
C GLU A 79 -2.52 13.54 19.62
N GLN A 80 -1.45 13.48 20.42
CA GLN A 80 -1.16 14.55 21.36
C GLN A 80 -0.69 15.81 20.65
N VAL A 81 0.09 15.62 19.59
CA VAL A 81 0.70 16.74 18.89
C VAL A 81 -0.27 17.40 17.92
N PHE A 82 -1.00 16.60 17.16
CA PHE A 82 -1.94 17.11 16.16
C PHE A 82 -3.38 16.72 16.45
N GLY A 83 -3.62 15.41 16.53
CA GLY A 83 -4.96 14.90 16.74
C GLY A 83 -5.08 13.53 16.13
N PRO A 84 -6.29 12.94 16.13
CA PRO A 84 -6.45 11.57 15.61
C PRO A 84 -6.04 11.46 14.15
N VAL A 85 -5.43 10.33 13.79
CA VAL A 85 -4.99 10.12 12.41
C VAL A 85 -6.19 9.97 11.48
N ASP A 86 -6.20 10.77 10.42
CA ASP A 86 -7.25 10.69 9.41
C ASP A 86 -6.79 9.84 8.23
N LEU A 87 -5.52 9.98 7.87
CA LEU A 87 -4.94 9.28 6.73
C LEU A 87 -3.70 8.53 7.16
N LEU A 88 -3.70 7.22 6.99
CA LEU A 88 -2.53 6.39 7.27
C LEU A 88 -1.89 5.95 5.96
N CYS A 89 -0.61 6.27 5.79
CA CYS A 89 0.13 5.91 4.58
C CYS A 89 1.18 4.88 4.96
N ASN A 90 0.87 3.61 4.69
CA ASN A 90 1.81 2.52 4.94
C ASN A 90 2.74 2.38 3.74
N THR A 91 3.86 3.09 3.76
CA THR A 91 4.70 3.23 2.57
C THR A 91 6.13 2.74 2.77
N ALA A 92 6.59 2.68 4.02
CA ALA A 92 7.92 2.16 4.30
C ALA A 92 8.07 0.77 3.70
N GLY A 93 9.24 0.49 3.15
CA GLY A 93 9.52 -0.83 2.62
C GLY A 93 11.00 -0.98 2.36
N VAL A 94 11.45 -2.23 2.35
CA VAL A 94 12.85 -2.54 2.05
C VAL A 94 12.92 -3.63 0.99
N SER A 95 14.10 -3.82 0.42
CA SER A 95 14.29 -4.85 -0.58
C SER A 95 15.74 -5.29 -0.70
N GLN A 96 15.92 -6.58 -0.90
CA GLN A 96 17.22 -7.14 -1.26
C GLN A 96 16.96 -8.32 -2.17
N PHE A 97 17.54 -8.27 -3.36
CA PHE A 97 17.30 -9.27 -4.40
C PHE A 97 18.43 -10.28 -4.48
N GLY A 98 18.11 -11.47 -4.98
CA GLY A 98 19.09 -12.53 -5.16
C GLY A 98 18.40 -13.82 -5.53
N PRO A 99 19.16 -14.82 -6.01
CA PRO A 99 18.58 -16.12 -6.33
C PRO A 99 17.84 -16.67 -5.13
N ILE A 100 16.63 -17.19 -5.31
CA ILE A 100 15.83 -17.60 -4.18
C ILE A 100 16.50 -18.74 -3.41
N GLU A 101 17.28 -19.56 -4.11
CA GLU A 101 17.91 -20.71 -3.47
C GLU A 101 19.08 -20.30 -2.57
N LYS A 102 19.52 -19.04 -2.69
CA LYS A 102 20.61 -18.52 -1.85
C LYS A 102 20.10 -17.62 -0.73
N ALA A 103 18.78 -17.44 -0.66
CA ALA A 103 18.20 -16.60 0.39
C ALA A 103 18.39 -17.24 1.75
N THR A 104 18.68 -16.42 2.76
CA THR A 104 18.81 -16.89 4.14
C THR A 104 17.51 -16.65 4.88
N PHE A 105 17.34 -17.29 6.01
CA PHE A 105 16.16 -17.04 6.83
C PHE A 105 16.20 -15.60 7.35
N ASP A 106 17.40 -15.07 7.60
CA ASP A 106 17.50 -13.68 8.02
C ASP A 106 17.03 -12.74 6.91
N ASP A 107 17.32 -13.09 5.66
CA ASP A 107 16.87 -12.32 4.51
C ASP A 107 15.34 -12.29 4.48
N TRP A 108 14.73 -13.46 4.66
CA TRP A 108 13.27 -13.57 4.67
C TRP A 108 12.66 -12.76 5.81
N ASP A 109 13.16 -12.96 7.02
CA ASP A 109 12.57 -12.34 8.21
C ASP A 109 12.64 -10.81 8.16
N TRP A 110 13.77 -10.27 7.73
CA TRP A 110 13.91 -8.81 7.65
C TRP A 110 12.88 -8.20 6.71
N GLN A 111 12.80 -8.71 5.49
CA GLN A 111 11.88 -8.14 4.50
C GLN A 111 10.42 -8.43 4.85
N MET A 112 10.15 -9.62 5.37
CA MET A 112 8.81 -9.96 5.83
C MET A 112 8.37 -9.02 6.97
N ASP A 113 9.27 -8.77 7.91
CA ASP A 113 8.92 -7.99 9.09
C ASP A 113 8.59 -6.54 8.71
N VAL A 114 9.42 -5.91 7.89
CA VAL A 114 9.16 -4.51 7.52
C VAL A 114 8.03 -4.40 6.52
N ASN A 115 8.07 -5.20 5.46
CA ASN A 115 7.13 -5.02 4.35
C ASN A 115 5.74 -5.54 4.65
N VAL A 116 5.61 -6.56 5.49
CA VAL A 116 4.32 -7.13 5.78
C VAL A 116 3.90 -6.79 7.21
N ASN A 117 4.67 -7.21 8.21
CA ASN A 117 4.30 -6.91 9.59
C ASN A 117 4.26 -5.42 9.88
N GLY A 118 5.14 -4.64 9.24
CA GLY A 118 5.12 -3.20 9.46
C GLY A 118 3.81 -2.58 9.01
N VAL A 119 3.26 -3.10 7.92
CA VAL A 119 1.97 -2.63 7.41
C VAL A 119 0.83 -3.13 8.29
N ILE A 120 0.87 -4.42 8.63
CA ILE A 120 -0.10 -4.99 9.56
C ILE A 120 -0.12 -4.19 10.86
N ASN A 121 1.06 -3.90 11.39
CA ASN A 121 1.17 -3.21 12.66
C ASN A 121 0.53 -1.83 12.62
N GLY A 122 0.75 -1.10 11.52
CA GLY A 122 0.14 0.21 11.37
C GLY A 122 -1.36 0.11 11.26
N VAL A 123 -1.83 -0.79 10.40
CA VAL A 123 -3.26 -0.99 10.19
C VAL A 123 -3.95 -1.35 11.50
N MET A 124 -3.38 -2.25 12.27
CA MET A 124 -4.03 -2.71 13.49
C MET A 124 -3.90 -1.70 14.63
N THR A 125 -2.95 -0.78 14.53
CA THR A 125 -2.78 0.24 15.56
C THR A 125 -3.76 1.39 15.32
N VAL A 126 -3.92 1.77 14.05
CA VAL A 126 -4.68 2.98 13.70
C VAL A 126 -6.14 2.71 13.32
N MET A 127 -6.39 1.67 12.55
CA MET A 127 -7.73 1.47 11.99
C MET A 127 -8.80 1.26 13.08
N PRO A 128 -8.48 0.53 14.16
CA PRO A 128 -9.47 0.43 15.25
C PRO A 128 -9.77 1.77 15.93
N ARG A 129 -8.80 2.69 15.94
CA ARG A 129 -9.01 4.01 16.50
C ARG A 129 -9.92 4.82 15.59
N MET A 130 -9.74 4.67 14.27
CA MET A 130 -10.60 5.33 13.30
C MET A 130 -12.05 4.92 13.49
N ILE A 131 -12.28 3.62 13.60
CA ILE A 131 -13.62 3.08 13.75
C ILE A 131 -14.25 3.59 15.04
N GLU A 132 -13.49 3.55 16.12
CA GLU A 132 -13.97 3.98 17.43
C GLU A 132 -14.37 5.45 17.43
N ARG A 133 -13.64 6.26 16.67
CA ARG A 133 -13.89 7.70 16.62
C ARG A 133 -15.13 8.02 15.79
N GLY A 134 -15.38 7.23 14.74
CA GLY A 134 -16.59 7.33 13.97
C GLY A 134 -16.66 8.50 13.01
N GLN A 135 -15.50 9.02 12.62
CA GLN A 135 -15.44 10.15 11.68
C GLN A 135 -14.80 9.74 10.36
N GLY A 136 -14.77 8.45 10.09
CA GLY A 136 -14.19 7.95 8.86
C GLY A 136 -12.67 8.06 8.86
N GLY A 137 -12.08 7.94 7.68
CA GLY A 137 -10.65 7.94 7.55
C GLY A 137 -10.22 7.39 6.21
N HIS A 138 -8.93 7.18 6.04
CA HIS A 138 -8.41 6.61 4.81
C HIS A 138 -7.12 5.85 5.08
N ILE A 139 -6.96 4.73 4.40
CA ILE A 139 -5.78 3.90 4.54
C ILE A 139 -5.13 3.67 3.18
N LEU A 140 -3.87 4.08 3.07
CA LEU A 140 -3.07 3.81 1.88
C LEU A 140 -2.05 2.74 2.20
N ILE A 141 -1.95 1.77 1.30
CA ILE A 141 -0.89 0.79 1.35
C ILE A 141 -0.09 0.94 0.05
N THR A 142 1.21 1.16 0.20
CA THR A 142 2.11 1.21 -0.94
C THR A 142 2.78 -0.14 -1.11
N ALA A 143 2.36 -0.85 -2.15
CA ALA A 143 2.95 -2.14 -2.47
C ALA A 143 3.97 -1.95 -3.60
N SER A 144 3.67 -2.50 -4.78
CA SER A 144 4.61 -2.52 -5.88
C SER A 144 3.96 -3.26 -7.05
N MET A 145 4.46 -3.06 -8.26
CA MET A 145 3.99 -3.87 -9.38
C MET A 145 4.45 -5.32 -9.19
N SER A 146 5.36 -5.55 -8.24
CA SER A 146 5.73 -6.91 -7.86
C SER A 146 4.59 -7.63 -7.16
N ALA A 147 3.51 -6.91 -6.88
CA ALA A 147 2.29 -7.53 -6.37
C ALA A 147 1.49 -8.15 -7.52
N PHE A 148 2.00 -8.01 -8.75
CA PHE A 148 1.36 -8.57 -9.93
C PHE A 148 2.32 -9.41 -10.78
N VAL A 149 3.61 -9.13 -10.64
CA VAL A 149 4.61 -9.70 -11.54
C VAL A 149 5.83 -10.25 -10.80
N ALA A 150 5.99 -11.57 -10.83
CA ALA A 150 7.18 -12.21 -10.29
C ALA A 150 8.33 -12.05 -11.30
N LEU A 151 9.53 -11.79 -10.78
CA LEU A 151 10.72 -11.55 -11.59
C LEU A 151 11.88 -12.37 -11.07
N PRO A 152 12.88 -12.64 -11.92
CA PRO A 152 14.06 -13.33 -11.38
C PRO A 152 14.72 -12.51 -10.25
N THR A 153 15.05 -13.21 -9.17
CA THR A 153 15.76 -12.65 -8.01
C THR A 153 14.92 -11.78 -7.07
N THR A 154 13.63 -11.60 -7.37
CA THR A 154 12.75 -10.79 -6.50
C THR A 154 11.79 -11.64 -5.66
N GLY A 155 12.17 -12.90 -5.41
CA GLY A 155 11.29 -13.84 -4.74
C GLY A 155 10.75 -13.40 -3.39
N ILE A 156 11.64 -12.97 -2.49
CA ILE A 156 11.21 -12.52 -1.17
C ILE A 156 10.37 -11.26 -1.31
N TYR A 157 10.91 -10.26 -2.02
CA TYR A 157 10.22 -8.99 -2.22
C TYR A 157 8.81 -9.20 -2.77
N CYS A 158 8.70 -10.03 -3.80
CA CYS A 158 7.42 -10.31 -4.45
C CYS A 158 6.44 -10.94 -3.47
N THR A 159 6.93 -11.88 -2.66
CA THR A 159 6.09 -12.53 -1.67
C THR A 159 5.49 -11.48 -0.72
N THR A 160 6.31 -10.54 -0.26
CA THR A 160 5.83 -9.52 0.68
C THR A 160 4.82 -8.57 0.05
N LYS A 161 4.97 -8.28 -1.23
CA LYS A 161 4.10 -7.31 -1.88
C LYS A 161 2.76 -7.95 -2.27
N TYR A 162 2.79 -9.22 -2.63
CA TYR A 162 1.55 -9.95 -2.81
C TYR A 162 0.77 -9.96 -1.49
N ALA A 163 1.49 -10.17 -0.40
CA ALA A 163 0.85 -10.23 0.92
C ALA A 163 0.07 -8.96 1.23
N VAL A 164 0.69 -7.80 1.10
CA VAL A 164 0.01 -6.57 1.48
C VAL A 164 -1.04 -6.19 0.43
N ARG A 165 -0.90 -6.69 -0.80
CA ARG A 165 -1.97 -6.53 -1.77
C ARG A 165 -3.22 -7.24 -1.25
N GLY A 166 -3.03 -8.46 -0.75
CA GLY A 166 -4.13 -9.22 -0.20
C GLY A 166 -4.77 -8.48 0.96
N LEU A 167 -3.92 -7.94 1.83
CA LEU A 167 -4.41 -7.16 2.97
C LEU A 167 -5.20 -5.96 2.50
N ALA A 168 -4.70 -5.29 1.47
CA ALA A 168 -5.38 -4.11 0.94
C ALA A 168 -6.75 -4.48 0.37
N GLU A 169 -6.82 -5.54 -0.42
CA GLU A 169 -8.09 -5.96 -1.00
C GLU A 169 -9.06 -6.42 0.08
N SER A 170 -8.51 -6.91 1.19
CA SER A 170 -9.32 -7.31 2.34
C SER A 170 -9.90 -6.10 3.08
N LEU A 171 -9.06 -5.10 3.29
CA LEU A 171 -9.53 -3.84 3.87
C LEU A 171 -10.62 -3.23 3.01
N ARG A 172 -10.45 -3.34 1.70
CA ARG A 172 -11.39 -2.76 0.74
C ARG A 172 -12.81 -3.29 0.95
N VAL A 173 -12.92 -4.54 1.38
CA VAL A 173 -14.23 -5.16 1.61
C VAL A 173 -14.89 -4.64 2.87
N GLU A 174 -14.11 -4.48 3.94
CA GLU A 174 -14.66 -4.27 5.27
C GLU A 174 -14.68 -2.82 5.76
N MET A 175 -13.89 -1.96 5.13
CA MET A 175 -13.76 -0.58 5.63
C MET A 175 -14.84 0.41 5.17
N PRO A 176 -15.43 0.21 3.98
CA PRO A 176 -16.44 1.19 3.53
C PRO A 176 -17.62 1.39 4.48
N LYS A 177 -18.04 0.35 5.20
CA LYS A 177 -19.17 0.49 6.10
C LYS A 177 -18.83 1.38 7.31
N TYR A 178 -17.54 1.66 7.49
CA TYR A 178 -17.08 2.59 8.53
C TYR A 178 -16.64 3.92 7.93
N ASN A 179 -16.95 4.13 6.65
CA ASN A 179 -16.56 5.33 5.93
C ASN A 179 -15.04 5.52 5.93
N ILE A 180 -14.32 4.41 5.87
CA ILE A 180 -12.87 4.43 5.77
C ILE A 180 -12.46 3.97 4.37
N GLY A 181 -11.84 4.88 3.63
CA GLY A 181 -11.42 4.61 2.27
C GLY A 181 -10.11 3.83 2.24
N VAL A 182 -9.88 3.12 1.15
CA VAL A 182 -8.68 2.31 1.00
C VAL A 182 -8.07 2.55 -0.39
N SER A 183 -6.76 2.75 -0.43
CA SER A 183 -6.02 2.87 -1.67
C SER A 183 -4.81 1.94 -1.67
N LEU A 184 -4.56 1.33 -2.83
CA LEU A 184 -3.39 0.50 -3.04
C LEU A 184 -2.55 1.06 -4.17
N LEU A 185 -1.41 1.62 -3.81
CA LEU A 185 -0.45 2.16 -4.78
C LEU A 185 0.59 1.11 -5.13
N CYS A 186 0.80 0.89 -6.43
CA CYS A 186 1.77 -0.08 -6.91
C CYS A 186 2.78 0.58 -7.84
N PRO A 187 3.85 1.18 -7.26
CA PRO A 187 4.89 1.79 -8.08
C PRO A 187 5.63 0.76 -8.93
N GLY A 188 6.23 1.20 -10.02
CA GLY A 188 7.13 0.34 -10.78
C GLY A 188 8.46 0.28 -10.04
N GLY A 189 9.40 1.11 -10.46
CA GLY A 189 10.66 1.22 -9.76
C GLY A 189 11.58 0.05 -10.04
N GLU A 215 8.51 -12.47 -20.01
CA GLU A 215 8.70 -11.07 -20.38
C GLU A 215 10.10 -10.56 -20.06
N ALA A 216 10.81 -10.12 -21.09
CA ALA A 216 11.93 -9.20 -20.91
C ALA A 216 11.40 -7.78 -21.14
N VAL A 217 10.16 -7.71 -21.64
CA VAL A 217 9.52 -6.45 -21.98
C VAL A 217 9.02 -5.73 -20.73
N PHE A 218 8.62 -6.49 -19.71
CA PHE A 218 8.17 -5.88 -18.47
C PHE A 218 9.28 -5.03 -17.85
N ALA A 219 10.49 -5.60 -17.79
CA ALA A 219 11.64 -4.91 -17.24
C ALA A 219 11.96 -3.66 -18.05
N GLY A 220 11.76 -3.74 -19.37
CA GLY A 220 12.03 -2.62 -20.25
C GLY A 220 11.03 -1.50 -20.07
N LEU A 221 9.77 -1.86 -19.93
CA LEU A 221 8.73 -0.87 -19.64
C LEU A 221 8.99 -0.28 -18.26
N LYS A 222 9.38 -1.14 -17.33
CA LYS A 222 9.73 -0.72 -15.97
C LYS A 222 10.87 0.30 -15.98
N ARG A 223 11.91 0.04 -16.77
CA ARG A 223 13.06 0.93 -16.81
C ARG A 223 12.68 2.34 -17.26
N VAL A 224 11.74 2.43 -18.20
CA VAL A 224 11.31 3.73 -18.73
C VAL A 224 10.57 4.55 -17.66
N ILE A 225 9.75 3.90 -16.84
CA ILE A 225 9.06 4.62 -15.77
C ILE A 225 10.06 4.96 -14.66
N GLU A 226 10.96 4.02 -14.35
CA GLU A 226 11.98 4.24 -13.31
C GLU A 226 12.69 5.57 -13.52
N HIS A 227 12.91 5.92 -14.78
CA HIS A 227 13.69 7.09 -15.14
C HIS A 227 12.86 8.36 -15.17
N GLY A 228 11.54 8.22 -15.22
CA GLY A 228 10.64 9.35 -15.18
C GLY A 228 9.97 9.51 -13.83
N PHE A 229 10.18 8.53 -12.96
CA PHE A 229 9.61 8.57 -11.62
C PHE A 229 10.17 9.74 -10.80
N ASP A 230 9.27 10.53 -10.23
CA ASP A 230 9.65 11.53 -9.24
C ASP A 230 8.75 11.36 -8.00
N PRO A 231 9.36 11.30 -6.81
CA PRO A 231 8.56 11.06 -5.59
C PRO A 231 7.44 12.09 -5.39
N VAL A 232 7.70 13.35 -5.73
CA VAL A 232 6.68 14.37 -5.59
C VAL A 232 5.56 14.10 -6.60
N ASP A 233 5.94 13.74 -7.83
CA ASP A 233 4.95 13.41 -8.86
C ASP A 233 4.08 12.24 -8.41
N LEU A 234 4.70 11.18 -7.90
CA LEU A 234 3.94 10.04 -7.42
C LEU A 234 3.12 10.42 -6.20
N GLY A 235 3.61 11.39 -5.44
CA GLY A 235 2.88 11.90 -4.30
C GLY A 235 1.58 12.54 -4.72
N ARG A 236 1.59 13.22 -5.87
CA ARG A 236 0.39 13.86 -6.38
C ARG A 236 -0.60 12.84 -6.91
N VAL A 237 -0.11 11.74 -7.47
CA VAL A 237 -0.97 10.64 -7.89
C VAL A 237 -1.72 10.11 -6.67
N VAL A 238 -0.99 9.98 -5.56
CA VAL A 238 -1.58 9.49 -4.32
C VAL A 238 -2.62 10.45 -3.81
N LEU A 239 -2.27 11.73 -3.78
CA LEU A 239 -3.17 12.75 -3.29
C LEU A 239 -4.50 12.68 -4.03
N ASP A 240 -4.40 12.54 -5.34
CA ASP A 240 -5.57 12.49 -6.20
C ASP A 240 -6.41 11.23 -5.93
N ALA A 241 -5.75 10.13 -5.61
CA ALA A 241 -6.43 8.88 -5.31
C ALA A 241 -7.18 8.96 -3.97
N VAL A 242 -6.55 9.58 -2.98
CA VAL A 242 -7.17 9.76 -1.67
C VAL A 242 -8.41 10.65 -1.76
N ARG A 243 -8.28 11.78 -2.45
CA ARG A 243 -9.39 12.72 -2.60
C ARG A 243 -10.60 12.06 -3.25
N ASN A 244 -10.33 11.25 -4.27
CA ASN A 244 -11.39 10.63 -5.05
C ASN A 244 -11.67 9.19 -4.62
N ASP A 245 -11.00 8.76 -3.56
CA ASP A 245 -11.26 7.45 -2.96
C ASP A 245 -11.11 6.32 -3.97
N ARG A 246 -9.98 6.31 -4.66
CA ARG A 246 -9.68 5.28 -5.65
C ARG A 246 -8.85 4.16 -5.04
N PHE A 247 -9.25 2.91 -5.31
CA PHE A 247 -8.54 1.78 -4.74
C PHE A 247 -7.31 1.39 -5.55
N TRP A 248 -7.51 1.06 -6.82
CA TRP A 248 -6.41 0.67 -7.69
C TRP A 248 -5.62 1.88 -8.20
N VAL A 249 -4.48 2.14 -7.57
CA VAL A 249 -3.61 3.22 -8.01
C VAL A 249 -2.42 2.61 -8.75
N LEU A 250 -2.63 2.37 -10.04
CA LEU A 250 -1.67 1.71 -10.92
C LEU A 250 -1.43 2.60 -12.14
N PRO A 251 -0.65 3.67 -11.97
CA PRO A 251 -0.60 4.68 -13.04
C PRO A 251 0.32 4.32 -14.22
N TYR A 252 0.20 3.10 -14.71
CA TYR A 252 1.03 2.63 -15.81
C TYR A 252 0.23 1.83 -16.84
N PRO A 253 -0.37 2.53 -17.83
CA PRO A 253 -1.15 1.85 -18.86
C PRO A 253 -0.34 0.87 -19.69
N GLU A 254 0.99 0.97 -19.61
CA GLU A 254 1.89 0.05 -20.31
C GLU A 254 1.64 -1.41 -19.93
N PHE A 255 1.48 -1.64 -18.64
CA PHE A 255 1.44 -2.98 -18.09
C PHE A 255 0.13 -3.69 -18.41
N ALA A 256 -0.79 -2.98 -19.08
CA ALA A 256 -2.11 -3.52 -19.38
C ALA A 256 -2.05 -4.79 -20.21
N GLU A 257 -1.44 -4.71 -21.40
CA GLU A 257 -1.40 -5.86 -22.30
C GLU A 257 -0.65 -7.03 -21.67
N GLY A 258 0.42 -6.72 -20.95
CA GLY A 258 1.17 -7.73 -20.23
C GLY A 258 0.33 -8.37 -19.14
N GLN A 259 -0.46 -7.55 -18.45
CA GLN A 259 -1.31 -8.04 -17.37
C GLN A 259 -2.48 -8.85 -17.93
N LYS A 260 -2.98 -8.46 -19.09
CA LYS A 260 -4.05 -9.21 -19.75
C LYS A 260 -3.62 -10.64 -20.04
N ALA A 261 -2.36 -10.79 -20.42
CA ALA A 261 -1.81 -12.11 -20.73
C ALA A 261 -1.69 -12.96 -19.47
N ARG A 262 -1.19 -12.34 -18.40
CA ARG A 262 -1.11 -13.01 -17.11
C ARG A 262 -2.51 -13.43 -16.64
N ASP A 263 -3.48 -12.52 -16.80
CA ASP A 263 -4.85 -12.82 -16.44
C ASP A 263 -5.41 -13.99 -17.26
N GLN A 264 -5.17 -13.97 -18.56
CA GLN A 264 -5.72 -14.98 -19.46
C GLN A 264 -5.22 -16.37 -19.08
N GLU A 265 -3.98 -16.45 -18.60
CA GLU A 265 -3.42 -17.70 -18.14
C GLU A 265 -4.31 -18.33 -17.06
N VAL A 266 -4.71 -17.52 -16.09
CA VAL A 266 -5.56 -17.97 -14.99
C VAL A 266 -6.93 -18.38 -15.51
N ILE A 267 -7.55 -17.51 -16.32
CA ILE A 267 -8.85 -17.81 -16.90
C ILE A 267 -8.80 -19.12 -17.69
N ASP A 268 -7.77 -19.27 -18.51
CA ASP A 268 -7.62 -20.48 -19.32
C ASP A 268 -7.47 -21.72 -18.44
N ALA A 269 -6.75 -21.57 -17.34
CA ALA A 269 -6.53 -22.68 -16.41
C ALA A 269 -7.85 -23.11 -15.79
N MET A 270 -8.63 -22.14 -15.33
CA MET A 270 -9.96 -22.42 -14.80
C MET A 270 -10.83 -23.11 -15.84
N MET A 271 -10.82 -22.56 -17.06
CA MET A 271 -11.67 -23.08 -18.13
C MET A 271 -11.18 -24.42 -18.67
N SER A 272 -9.93 -24.79 -18.36
CA SER A 272 -9.38 -26.05 -18.87
C SER A 272 -10.02 -27.26 -18.20
N TYR A 273 -10.71 -27.03 -17.08
CA TYR A 273 -11.45 -28.08 -16.41
C TYR A 273 -12.94 -28.04 -16.75
N ALA A 274 -13.30 -27.28 -17.78
CA ALA A 274 -14.70 -27.13 -18.17
C ALA A 274 -15.31 -28.45 -18.63
N ASP A 275 -14.72 -29.03 -19.66
CA ASP A 275 -15.20 -30.29 -20.26
C ASP A 275 -15.16 -31.46 -19.27
N HIS A 276 -14.52 -31.25 -18.13
CA HIS A 276 -14.36 -32.28 -17.11
C HIS A 276 -15.67 -32.43 -16.31
N PRO A 277 -16.35 -33.60 -16.43
CA PRO A 277 -17.75 -33.77 -16.01
C PRO A 277 -18.13 -33.27 -14.61
N ASP A 278 -17.19 -33.06 -13.71
CA ASP A 278 -17.52 -32.58 -12.37
C ASP A 278 -18.12 -31.18 -12.45
N TYR A 279 -17.59 -30.38 -13.39
CA TYR A 279 -18.10 -29.04 -13.63
C TYR A 279 -19.53 -29.09 -14.15
N ALA A 280 -19.80 -30.00 -15.08
CA ALA A 280 -21.13 -30.17 -15.64
C ALA A 280 -22.14 -30.58 -14.57
N ARG A 281 -21.67 -31.32 -13.57
CA ARG A 281 -22.52 -31.68 -12.43
C ARG A 281 -22.87 -30.43 -11.62
N ARG A 282 -21.85 -29.66 -11.27
CA ARG A 282 -22.06 -28.44 -10.48
C ARG A 282 -22.93 -27.45 -11.24
N MET A 283 -22.81 -27.41 -12.56
CA MET A 283 -23.71 -26.64 -13.42
C MET A 283 -25.17 -27.00 -13.14
N LYS A 284 -25.44 -28.30 -13.20
CA LYS A 284 -26.80 -28.82 -13.12
C LYS A 284 -27.47 -28.50 -11.78
N ILE A 285 -26.67 -28.48 -10.71
CA ILE A 285 -27.18 -28.23 -9.37
C ILE A 285 -27.71 -26.81 -9.24
N ARG A 286 -26.99 -25.84 -9.80
CA ARG A 286 -27.37 -24.44 -9.71
C ARG A 286 -28.55 -24.12 -10.60
N GLU A 287 -28.53 -24.66 -11.82
CA GLU A 287 -29.66 -24.53 -12.74
C GLU A 287 -30.97 -24.94 -12.05
N GLN A 288 -30.89 -25.99 -11.23
CA GLN A 288 -32.05 -26.43 -10.47
C GLN A 288 -32.35 -25.47 -9.33
N MET A 289 -31.29 -25.01 -8.66
CA MET A 289 -31.43 -24.06 -7.56
C MET A 289 -31.80 -22.67 -8.07
N LYS A 290 -31.61 -22.45 -9.37
CA LYS A 290 -32.03 -21.20 -10.01
C LYS A 290 -33.54 -21.21 -10.14
N ARG A 291 -34.08 -22.38 -10.49
CA ARG A 291 -35.50 -22.67 -10.30
C ARG A 291 -35.69 -22.91 -8.81
N ASP A 292 -36.78 -23.58 -8.43
CA ASP A 292 -37.00 -23.98 -7.04
C ASP A 292 -37.10 -22.83 -6.03
N MET A 293 -36.19 -21.85 -6.09
CA MET A 293 -36.05 -20.86 -5.03
C MET A 293 -36.20 -19.40 -5.50
N PRO A 294 -36.55 -18.50 -4.57
CA PRO A 294 -36.69 -17.05 -4.82
C PRO A 294 -35.36 -16.34 -5.03
N GLY A 295 -35.01 -16.06 -6.27
CA GLY A 295 -33.80 -15.32 -6.59
C GLY A 295 -32.56 -16.17 -6.44
PA NAI B . 14.16 4.63 0.72
O1A NAI B . 15.44 4.00 1.24
O2A NAI B . 14.51 5.90 -0.07
O5B NAI B . 13.24 5.00 1.93
C5B NAI B . 12.86 4.01 2.84
C4B NAI B . 12.63 4.62 4.16
O4B NAI B . 11.93 3.62 4.99
C3B NAI B . 13.88 4.96 4.83
O3B NAI B . 13.82 6.27 5.36
C2B NAI B . 14.04 3.96 5.86
O2B NAI B . 14.80 4.49 6.96
C1B NAI B . 12.69 3.63 6.24
N9A NAI B . 12.59 2.37 6.92
C8A NAI B . 13.16 1.17 6.61
N7A NAI B . 12.82 0.24 7.51
C5A NAI B . 12.02 0.81 8.46
C6A NAI B . 11.37 0.38 9.62
N6A NAI B . 11.46 -0.97 10.08
N1A NAI B . 10.62 1.26 10.33
C2A NAI B . 10.50 2.55 9.95
N3A NAI B . 11.10 3.00 8.84
C4A NAI B . 11.86 2.17 8.09
O3 NAI B . 13.39 3.63 -0.17
PN NAI B . 12.42 4.12 -1.35
O1N NAI B . 13.24 4.84 -2.41
O2N NAI B . 11.69 2.84 -1.99
O5D NAI B . 11.35 5.09 -0.78
H51A NAI B . 13.59 3.32 2.90
H52A NAI B . 12.01 3.57 2.51
H4B NAI B . 12.06 5.43 4.06
H3B NAI B . 14.62 4.89 4.18
HO3A NAI B . 14.16 6.85 4.77
H2B NAI B . 14.48 3.19 5.50
HO2A NAI B . 15.62 4.64 6.71
H1B NAI B . 12.35 4.32 6.80
H8A NAI B . 13.76 1.01 5.80
H61A NAI B . 12.27 -1.33 10.23
H62A NAI B . 10.71 -1.46 10.22
H2A NAI B . 9.95 3.17 10.49
#